data_3LM3
#
_entry.id   3LM3
#
_cell.length_a   124.359
_cell.length_b   124.359
_cell.length_c   103.746
_cell.angle_alpha   90.000
_cell.angle_beta   90.000
_cell.angle_gamma   120.000
#
_symmetry.space_group_name_H-M   'P 61 2 2'
#
loop_
_entity.id
_entity.type
_entity.pdbx_description
1 polymer 'uncharacterized protein'
2 non-polymer DI(HYDROXYETHYL)ETHER
3 water water
#
_entity_poly.entity_id   1
_entity_poly.type   'polypeptide(L)'
_entity_poly.pdbx_seq_one_letter_code
;GAADPVVVPAN(MSE)EPLTIEGNRFVTLCI(MSE)IRTTPWEVSRDVKLHPRDEVDWHTLEGVRALREAFATNNPNGRL
TWGFT(MSE)NALEDGRKNYREIRDYVVECQKKYGDEVTYFPGYFPA(MSE)YLPRERVNRE(MSE)SEAIEIISK
(MSE)VGNGYRPQSI(MSE)GGFLSADNLRYLAEKENIHVAHAVIWSQHNIDGGGADGSPSYPFYPSTEHFCKPAQGKSD
FIDCVNLDGWT(MSE)DFICARRSGQTGHGIDGYNSRRGVGPIETYKGWGLDLGHREV(MSE)HTEAIHFDKGLELNGFG
WVANIWEAQ(MSE)VHEFGKDLICDA(MSE)K(MSE)WVTGTKERWPDTHFVTFGEFGELWRKQYKSNDDWNYRFVERGS
GLGDSYNNLEIKWF(MSE)NKEFRLALLRDWHTKNSPAYVIDFTRYDLQAHEPADPSPEKPAKDWSLINKINQKALRPQD
KPVLIDKLEKEDQDLIRKYYPELLK
;
_entity_poly.pdbx_strand_id   A
#
# COMPACT_ATOMS: atom_id res chain seq x y z
N GLU A 13 1.69 16.61 16.27
CA GLU A 13 3.04 16.38 15.67
C GLU A 13 3.04 15.07 14.88
N PRO A 14 3.80 15.00 13.78
CA PRO A 14 4.70 16.02 13.25
C PRO A 14 3.96 16.92 12.29
N LEU A 15 4.52 18.09 12.05
CA LEU A 15 3.84 19.07 11.22
C LEU A 15 4.33 19.01 9.78
N THR A 16 5.44 18.30 9.50
CA THR A 16 5.94 18.22 8.13
CA THR A 16 5.93 18.22 8.13
C THR A 16 6.50 16.85 7.78
N ILE A 17 6.33 16.47 6.52
CA ILE A 17 6.87 15.22 6.00
C ILE A 17 8.39 15.24 5.88
N GLU A 18 8.98 16.41 5.63
CA GLU A 18 10.38 16.41 5.26
CA GLU A 18 10.39 16.53 5.31
C GLU A 18 11.29 16.06 6.45
N GLY A 19 12.21 15.15 6.15
CA GLY A 19 13.17 14.68 7.13
C GLY A 19 12.69 13.63 8.09
N ASN A 20 11.45 13.19 7.93
CA ASN A 20 10.81 12.32 8.90
C ASN A 20 10.56 10.93 8.34
N ARG A 21 10.37 9.99 9.27
CA ARG A 21 10.06 8.58 9.00
C ARG A 21 8.65 8.31 9.52
N PHE A 22 7.83 7.65 8.71
CA PHE A 22 6.43 7.42 9.02
C PHE A 22 6.06 5.95 8.81
N VAL A 23 5.25 5.43 9.73
CA VAL A 23 4.56 4.15 9.53
C VAL A 23 3.07 4.44 9.60
N THR A 24 2.35 4.00 8.58
CA THR A 24 0.90 4.07 8.58
C THR A 24 0.34 2.66 8.62
N LEU A 25 -0.31 2.30 9.73
CA LEU A 25 -0.97 1.03 9.90
C LEU A 25 -2.48 1.18 9.80
N CYS A 26 -3.10 0.24 9.14
CA CYS A 26 -4.55 0.05 9.17
C CYS A 26 -4.87 -1.33 9.74
N ILE A 27 -5.85 -1.36 10.64
CA ILE A 27 -6.45 -2.62 11.11
C ILE A 27 -7.83 -2.74 10.47
N ILE A 29 -11.55 -4.43 9.85
CA ILE A 29 -12.67 -5.10 10.49
C ILE A 29 -13.67 -5.51 9.40
N ARG A 30 -14.13 -6.77 9.42
CA ARG A 30 -14.98 -7.31 8.33
C ARG A 30 -15.87 -8.41 8.89
N THR A 31 -16.83 -8.90 8.09
CA THR A 31 -17.65 -10.05 8.43
C THR A 31 -17.29 -11.27 7.58
N THR A 32 -16.70 -11.05 6.43
CA THR A 32 -16.18 -12.09 5.54
C THR A 32 -14.95 -11.50 4.83
N PRO A 33 -14.08 -12.33 4.21
CA PRO A 33 -12.79 -11.77 3.82
C PRO A 33 -12.77 -10.76 2.70
N TRP A 34 -13.61 -10.94 1.69
CA TRP A 34 -13.52 -10.14 0.45
C TRP A 34 -14.89 -9.58 0.09
N GLU A 35 -15.50 -8.87 1.03
CA GLU A 35 -16.84 -8.33 0.83
C GLU A 35 -16.72 -6.90 0.32
N VAL A 36 -16.74 -6.77 -1.00
CA VAL A 36 -16.62 -5.47 -1.65
C VAL A 36 -17.91 -4.69 -1.61
N SER A 37 -19.03 -5.35 -1.35
CA SER A 37 -20.30 -4.68 -1.12
C SER A 37 -21.12 -5.48 -0.13
N ARG A 38 -22.38 -5.11 0.07
CA ARG A 38 -23.20 -5.82 1.04
C ARG A 38 -23.47 -7.27 0.61
N ASP A 39 -23.82 -7.43 -0.66
CA ASP A 39 -24.21 -8.76 -1.21
C ASP A 39 -23.12 -9.39 -2.06
N VAL A 40 -21.97 -8.74 -2.24
CA VAL A 40 -20.92 -9.25 -3.09
C VAL A 40 -19.79 -9.69 -2.18
N LYS A 41 -19.85 -10.95 -1.80
CA LYS A 41 -18.93 -11.57 -0.87
C LYS A 41 -18.10 -12.54 -1.66
N LEU A 42 -16.91 -12.14 -2.06
CA LEU A 42 -16.15 -12.92 -3.02
C LEU A 42 -15.47 -14.15 -2.40
N HIS A 43 -15.42 -14.19 -1.07
CA HIS A 43 -14.86 -15.31 -0.30
C HIS A 43 -15.95 -15.80 0.64
N PRO A 44 -16.14 -17.12 0.73
CA PRO A 44 -17.27 -17.65 1.48
C PRO A 44 -17.14 -17.73 3.00
N ARG A 45 -15.96 -17.47 3.54
CA ARG A 45 -15.75 -17.68 4.96
C ARG A 45 -16.53 -16.70 5.84
N ASP A 46 -17.31 -17.23 6.77
CA ASP A 46 -18.06 -16.45 7.75
C ASP A 46 -17.12 -16.17 8.94
N GLU A 47 -16.74 -14.90 9.11
CA GLU A 47 -15.82 -14.51 10.16
C GLU A 47 -16.46 -13.77 11.33
N VAL A 48 -17.78 -13.83 11.49
CA VAL A 48 -18.42 -13.19 12.61
CA VAL A 48 -18.45 -13.21 12.63
C VAL A 48 -17.75 -13.57 13.94
N ASP A 49 -17.49 -14.85 14.14
CA ASP A 49 -16.91 -15.31 15.39
C ASP A 49 -15.42 -15.02 15.51
N TRP A 50 -14.80 -14.56 14.42
CA TRP A 50 -13.38 -14.25 14.38
C TRP A 50 -13.10 -12.80 14.79
N HIS A 51 -14.18 -12.05 15.05
CA HIS A 51 -14.11 -10.64 15.41
C HIS A 51 -14.69 -10.49 16.79
N THR A 52 -13.84 -10.13 17.74
CA THR A 52 -14.26 -9.93 19.14
C THR A 52 -13.70 -8.61 19.65
N LEU A 53 -14.39 -8.03 20.62
CA LEU A 53 -13.89 -6.85 21.29
C LEU A 53 -12.54 -7.12 21.92
N GLU A 54 -12.40 -8.22 22.64
CA GLU A 54 -11.12 -8.49 23.29
CA GLU A 54 -11.15 -8.56 23.29
C GLU A 54 -9.99 -8.65 22.29
N GLY A 55 -10.24 -9.24 21.12
CA GLY A 55 -9.20 -9.41 20.14
C GLY A 55 -8.74 -8.09 19.54
N VAL A 56 -9.69 -7.19 19.25
CA VAL A 56 -9.39 -5.92 18.69
CA VAL A 56 -9.30 -5.90 18.67
C VAL A 56 -8.61 -5.05 19.70
N ARG A 57 -9.09 -5.05 20.94
CA ARG A 57 -8.45 -4.28 22.02
C ARG A 57 -7.03 -4.81 22.26
N ALA A 58 -6.85 -6.13 22.26
CA ALA A 58 -5.53 -6.68 22.48
C ALA A 58 -4.57 -6.25 21.37
N LEU A 59 -5.04 -6.25 20.13
CA LEU A 59 -4.18 -5.87 19.03
C LEU A 59 -3.81 -4.38 19.12
N ARG A 60 -4.77 -3.52 19.50
CA ARG A 60 -4.49 -2.08 19.67
C ARG A 60 -3.50 -1.84 20.82
N GLU A 61 -3.66 -2.57 21.91
CA GLU A 61 -2.77 -2.45 23.03
C GLU A 61 -1.34 -2.89 22.67
N ALA A 62 -1.23 -3.93 21.85
CA ALA A 62 0.06 -4.37 21.36
C ALA A 62 0.73 -3.25 20.55
N PHE A 63 -0.05 -2.62 19.67
CA PHE A 63 0.43 -1.49 18.84
C PHE A 63 0.94 -0.33 19.66
N ALA A 64 0.32 -0.05 20.79
CA ALA A 64 0.70 1.06 21.64
C ALA A 64 1.99 0.81 22.41
N THR A 65 2.49 -0.43 22.44
CA THR A 65 3.72 -0.74 23.19
C THR A 65 4.88 0.10 22.70
N ASN A 66 5.52 0.85 23.62
CA ASN A 66 6.63 1.73 23.27
CA ASN A 66 6.63 1.75 23.28
C ASN A 66 6.23 2.75 22.20
N ASN A 67 4.94 3.05 22.14
CA ASN A 67 4.37 3.84 21.03
C ASN A 67 3.18 4.66 21.51
N PRO A 68 3.38 5.45 22.58
CA PRO A 68 2.22 6.17 23.12
C PRO A 68 1.63 7.25 22.24
N ASN A 69 2.44 7.82 21.34
CA ASN A 69 1.92 8.80 20.40
C ASN A 69 1.40 8.15 19.13
N GLY A 70 1.45 6.82 19.04
CA GLY A 70 1.03 6.16 17.79
C GLY A 70 -0.46 6.17 17.60
N ARG A 71 -0.86 6.34 16.33
CA ARG A 71 -2.26 6.15 15.94
CA ARG A 71 -2.26 6.26 15.90
C ARG A 71 -2.31 5.46 14.61
N LEU A 72 -3.48 4.90 14.32
CA LEU A 72 -3.67 4.03 13.17
C LEU A 72 -5.03 4.27 12.55
N THR A 73 -5.26 3.67 11.40
CA THR A 73 -6.53 3.71 10.70
C THR A 73 -7.30 2.43 10.91
N TRP A 74 -8.51 2.55 11.44
CA TRP A 74 -9.46 1.44 11.49
C TRP A 74 -10.25 1.46 10.21
N GLY A 75 -10.26 0.36 9.49
CA GLY A 75 -11.00 0.29 8.25
C GLY A 75 -12.05 -0.79 8.33
N PHE A 76 -13.31 -0.43 8.03
CA PHE A 76 -14.46 -1.33 8.13
C PHE A 76 -15.06 -1.62 6.77
N THR A 77 -15.43 -2.87 6.51
CA THR A 77 -16.29 -3.16 5.37
C THR A 77 -17.73 -2.65 5.63
N ASN A 79 -20.49 -4.33 5.57
CA ASN A 79 -21.21 -5.25 6.46
C ASN A 79 -20.74 -5.11 7.91
N ALA A 80 -19.45 -4.84 8.14
CA ALA A 80 -18.98 -4.62 9.51
C ALA A 80 -19.51 -3.31 10.09
N LEU A 81 -19.68 -2.29 9.25
CA LEU A 81 -20.27 -1.02 9.71
C LEU A 81 -21.71 -1.17 10.11
N GLU A 82 -22.44 -2.02 9.40
CA GLU A 82 -23.91 -2.12 9.57
C GLU A 82 -24.39 -3.23 10.46
N ASP A 83 -23.54 -4.20 10.78
CA ASP A 83 -23.99 -5.39 11.48
C ASP A 83 -24.48 -5.04 12.89
N GLY A 84 -25.68 -5.51 13.22
CA GLY A 84 -26.31 -5.18 14.49
C GLY A 84 -25.98 -6.13 15.63
N ARG A 85 -25.21 -7.17 15.35
CA ARG A 85 -24.85 -8.13 16.40
C ARG A 85 -23.88 -7.56 17.44
N LYS A 86 -23.94 -8.11 18.63
CA LYS A 86 -23.28 -7.50 19.77
C LYS A 86 -21.77 -7.31 19.58
N ASN A 87 -21.09 -8.29 19.00
CA ASN A 87 -19.65 -8.15 18.77
C ASN A 87 -19.30 -6.96 17.90
N TYR A 88 -20.03 -6.79 16.80
CA TYR A 88 -19.76 -5.69 15.90
C TYR A 88 -20.14 -4.38 16.54
N ARG A 89 -21.21 -4.34 17.30
CA ARG A 89 -21.56 -3.11 18.02
CA ARG A 89 -21.57 -3.11 18.04
C ARG A 89 -20.46 -2.72 19.01
N GLU A 90 -19.98 -3.69 19.78
CA GLU A 90 -18.91 -3.48 20.75
C GLU A 90 -17.62 -3.02 20.10
N ILE A 91 -17.28 -3.62 18.97
CA ILE A 91 -16.09 -3.21 18.24
C ILE A 91 -16.24 -1.78 17.74
N ARG A 92 -17.39 -1.43 17.15
CA ARG A 92 -17.57 -0.06 16.71
C ARG A 92 -17.44 0.93 17.90
N ASP A 93 -18.04 0.62 19.04
CA ASP A 93 -17.98 1.51 20.19
C ASP A 93 -16.54 1.69 20.64
N TYR A 94 -15.76 0.61 20.64
CA TYR A 94 -14.37 0.68 21.05
C TYR A 94 -13.55 1.51 20.08
N VAL A 95 -13.80 1.33 18.80
CA VAL A 95 -13.09 2.11 17.80
C VAL A 95 -13.41 3.61 17.91
N VAL A 96 -14.66 3.95 18.23
CA VAL A 96 -15.01 5.36 18.48
C VAL A 96 -14.22 5.92 19.69
N GLU A 97 -14.14 5.12 20.75
CA GLU A 97 -13.32 5.47 21.94
C GLU A 97 -11.88 5.70 21.51
N CYS A 98 -11.36 4.87 20.60
CA CYS A 98 -9.98 5.04 20.12
C CYS A 98 -9.77 6.31 19.28
N GLN A 99 -10.76 6.65 18.48
CA GLN A 99 -10.70 7.89 17.72
C GLN A 99 -10.54 9.06 18.71
N LYS A 100 -11.32 9.06 19.76
CA LYS A 100 -11.30 10.14 20.76
C LYS A 100 -10.01 10.13 21.60
N LYS A 101 -9.56 8.95 21.99
CA LYS A 101 -8.44 8.83 22.90
CA LYS A 101 -8.42 8.81 22.90
C LYS A 101 -7.08 9.01 22.23
N TYR A 102 -6.93 8.41 21.05
CA TYR A 102 -5.65 8.33 20.37
C TYR A 102 -5.57 9.18 19.12
N GLY A 103 -6.73 9.59 18.60
CA GLY A 103 -6.76 10.24 17.30
C GLY A 103 -6.62 9.22 16.17
N ASP A 104 -7.01 7.96 16.42
CA ASP A 104 -7.08 6.99 15.34
C ASP A 104 -8.08 7.49 14.31
N GLU A 105 -7.89 7.08 13.07
CA GLU A 105 -8.80 7.34 11.96
C GLU A 105 -9.82 6.20 11.89
N VAL A 106 -11.02 6.50 11.42
CA VAL A 106 -12.06 5.51 11.20
C VAL A 106 -12.57 5.68 9.80
N THR A 107 -12.43 4.64 8.98
CA THR A 107 -12.85 4.78 7.60
C THR A 107 -13.31 3.47 6.98
N TYR A 108 -13.70 3.59 5.71
CA TYR A 108 -14.27 2.50 4.91
C TYR A 108 -13.16 1.69 4.23
N PHE A 109 -13.32 0.37 4.27
CA PHE A 109 -12.38 -0.61 3.68
C PHE A 109 -13.22 -1.63 2.92
N PRO A 110 -13.55 -1.32 1.64
CA PRO A 110 -14.49 -2.15 0.86
C PRO A 110 -13.90 -3.44 0.29
N GLY A 111 -13.31 -4.28 1.13
CA GLY A 111 -13.05 -5.68 0.75
C GLY A 111 -12.00 -5.91 -0.31
N TYR A 112 -11.05 -4.99 -0.39
CA TYR A 112 -9.84 -5.03 -1.22
C TYR A 112 -10.04 -4.79 -2.71
N PHE A 113 -11.10 -5.35 -3.28
CA PHE A 113 -11.26 -5.49 -4.72
C PHE A 113 -12.47 -4.75 -5.33
N PRO A 114 -12.90 -3.60 -4.78
CA PRO A 114 -14.21 -3.12 -5.25
C PRO A 114 -14.27 -2.75 -6.73
N ALA A 115 -13.25 -2.11 -7.27
CA ALA A 115 -13.33 -1.64 -8.67
C ALA A 115 -13.31 -2.81 -9.65
N TYR A 117 -15.16 -5.49 -9.38
CA TYR A 117 -16.45 -6.12 -9.39
C TYR A 117 -17.66 -5.22 -9.46
N LEU A 118 -17.48 -3.91 -9.24
CA LEU A 118 -18.62 -3.02 -9.10
C LEU A 118 -18.44 -1.89 -10.09
N PRO A 119 -19.54 -1.43 -10.71
CA PRO A 119 -19.45 -0.26 -11.54
C PRO A 119 -18.95 0.95 -10.76
N ARG A 120 -18.28 1.85 -11.45
CA ARG A 120 -17.73 3.06 -10.83
C ARG A 120 -18.77 3.82 -10.01
N GLU A 121 -19.96 4.01 -10.57
CA GLU A 121 -21.01 4.77 -9.89
C GLU A 121 -21.45 4.09 -8.60
N ARG A 122 -21.45 2.76 -8.57
CA ARG A 122 -21.81 2.03 -7.38
C ARG A 122 -20.74 2.16 -6.28
N VAL A 123 -19.46 2.04 -6.66
CA VAL A 123 -18.40 2.27 -5.70
C VAL A 123 -18.56 3.67 -5.12
N ASN A 124 -18.77 4.67 -5.96
CA ASN A 124 -18.88 6.04 -5.45
C ASN A 124 -20.04 6.18 -4.46
N ARG A 125 -21.19 5.64 -4.84
CA ARG A 125 -22.39 5.73 -4.03
C ARG A 125 -22.17 5.06 -2.68
N GLU A 126 -21.56 3.86 -2.67
CA GLU A 126 -21.37 3.12 -1.44
C GLU A 126 -20.28 3.74 -0.57
N SER A 128 -19.88 6.95 -0.34
CA SER A 128 -20.63 8.01 0.32
C SER A 128 -21.50 7.48 1.46
N GLU A 129 -22.14 6.34 1.26
CA GLU A 129 -22.96 5.74 2.31
C GLU A 129 -22.13 5.39 3.54
N ALA A 130 -20.98 4.79 3.32
CA ALA A 130 -20.08 4.43 4.43
C ALA A 130 -19.56 5.64 5.17
N ILE A 131 -19.18 6.68 4.43
CA ILE A 131 -18.70 7.92 5.05
C ILE A 131 -19.78 8.51 5.97
N GLU A 132 -21.04 8.49 5.53
CA GLU A 132 -22.15 9.02 6.34
CA GLU A 132 -22.11 9.04 6.36
C GLU A 132 -22.33 8.21 7.62
N ILE A 133 -22.30 6.87 7.50
CA ILE A 133 -22.41 5.99 8.66
C ILE A 133 -21.31 6.27 9.66
N ILE A 134 -20.10 6.42 9.15
CA ILE A 134 -18.92 6.66 10.01
C ILE A 134 -19.00 8.03 10.69
N SER A 135 -19.38 9.05 9.94
CA SER A 135 -19.52 10.38 10.51
C SER A 135 -20.51 10.37 11.66
N LYS A 136 -21.61 9.67 11.49
CA LYS A 136 -22.63 9.60 12.54
C LYS A 136 -22.19 8.75 13.70
N VAL A 138 -18.99 8.22 14.78
CA VAL A 138 -17.96 8.90 15.56
C VAL A 138 -18.55 10.16 16.19
N GLY A 139 -19.43 10.82 15.43
CA GLY A 139 -20.16 11.96 15.89
C GLY A 139 -19.35 13.22 15.71
N ASN A 140 -20.02 14.31 15.99
CA ASN A 140 -19.49 15.65 16.02
CA ASN A 140 -19.31 15.58 16.09
C ASN A 140 -18.73 16.07 14.75
N GLY A 141 -19.33 15.64 13.64
CA GLY A 141 -18.91 16.07 12.31
C GLY A 141 -17.69 15.37 11.75
N TYR A 142 -17.25 14.34 12.42
CA TYR A 142 -16.06 13.59 12.00
C TYR A 142 -16.15 13.14 10.55
N ARG A 143 -15.06 13.34 9.83
CA ARG A 143 -14.91 12.74 8.53
C ARG A 143 -13.51 12.17 8.42
N PRO A 144 -13.36 10.97 7.85
CA PRO A 144 -12.03 10.43 7.69
C PRO A 144 -11.19 11.25 6.69
N GLN A 145 -9.88 11.16 6.77
CA GLN A 145 -9.00 11.83 5.81
C GLN A 145 -8.62 10.91 4.66
N SER A 146 -8.93 9.60 4.74
CA SER A 146 -8.62 8.65 3.67
C SER A 146 -9.74 7.64 3.55
N ILE A 147 -9.73 6.89 2.45
CA ILE A 147 -10.50 5.67 2.26
C ILE A 147 -9.49 4.55 1.98
N GLY A 149 -9.20 1.83 0.01
CA GLY A 149 -9.90 1.27 -1.14
C GLY A 149 -9.32 0.02 -1.77
N GLY A 150 -7.99 -0.06 -1.88
N GLY A 150 -8.00 -0.13 -1.66
CA GLY A 150 -7.36 -1.13 -2.67
CA GLY A 150 -7.30 -1.28 -2.20
C GLY A 150 -7.61 -0.86 -4.17
C GLY A 150 -7.15 -1.08 -3.68
N PHE A 151 -8.30 -1.76 -4.84
N PHE A 151 -8.26 -1.38 -4.39
CA PHE A 151 -8.65 -1.52 -6.21
CA PHE A 151 -8.44 -1.23 -5.85
C PHE A 151 -9.71 -0.39 -6.22
N LEU A 152 -9.31 0.87 -6.34
N LEU A 152 -9.35 0.86 -6.46
CA LEU A 152 -10.24 1.93 -6.78
CA LEU A 152 -10.26 1.99 -6.77
C LEU A 152 -9.89 2.29 -8.22
C LEU A 152 -9.85 2.65 -8.07
N SER A 153 -10.83 2.86 -8.93
CA SER A 153 -10.57 3.46 -10.23
C SER A 153 -10.24 4.95 -10.09
N ALA A 154 -9.71 5.52 -11.16
CA ALA A 154 -9.46 6.95 -11.21
C ALA A 154 -10.74 7.73 -10.91
N ASP A 155 -11.85 7.27 -11.45
CA ASP A 155 -13.10 7.98 -11.21
CA ASP A 155 -13.14 7.95 -11.23
C ASP A 155 -13.50 7.99 -9.74
N ASN A 156 -13.21 6.90 -9.03
CA ASN A 156 -13.50 6.83 -7.61
C ASN A 156 -12.67 7.88 -6.83
N LEU A 157 -11.42 8.05 -7.25
CA LEU A 157 -10.54 9.02 -6.59
C LEU A 157 -10.95 10.46 -6.87
N ARG A 158 -11.31 10.73 -8.12
CA ARG A 158 -11.85 12.06 -8.45
CA ARG A 158 -11.92 12.00 -8.54
C ARG A 158 -13.14 12.32 -7.68
N TYR A 159 -14.01 11.33 -7.55
CA TYR A 159 -15.23 11.49 -6.78
C TYR A 159 -14.92 11.83 -5.30
N LEU A 160 -13.99 11.10 -4.70
CA LEU A 160 -13.62 11.37 -3.31
CA LEU A 160 -13.62 11.33 -3.32
C LEU A 160 -13.15 12.80 -3.16
N ALA A 161 -12.26 13.23 -4.05
CA ALA A 161 -11.67 14.56 -3.94
C ALA A 161 -12.74 15.64 -4.12
N GLU A 162 -13.55 15.51 -5.16
CA GLU A 162 -14.43 16.58 -5.61
C GLU A 162 -15.78 16.54 -4.95
N LYS A 163 -16.29 15.36 -4.66
CA LYS A 163 -17.62 15.26 -4.06
CA LYS A 163 -17.63 15.22 -4.07
C LYS A 163 -17.64 15.01 -2.56
N GLU A 164 -16.59 14.41 -2.02
CA GLU A 164 -16.49 14.15 -0.57
C GLU A 164 -15.42 14.96 0.15
N ASN A 165 -14.66 15.77 -0.61
CA ASN A 165 -13.58 16.54 -0.04
C ASN A 165 -12.63 15.67 0.79
N ILE A 166 -12.31 14.48 0.25
CA ILE A 166 -11.35 13.55 0.85
C ILE A 166 -10.25 13.40 -0.17
N HIS A 167 -9.01 13.64 0.25
CA HIS A 167 -7.91 13.86 -0.67
C HIS A 167 -6.77 12.86 -0.46
N VAL A 168 -7.06 11.75 0.23
CA VAL A 168 -6.12 10.65 0.36
C VAL A 168 -6.89 9.35 0.16
N ALA A 169 -6.30 8.38 -0.55
CA ALA A 169 -6.86 7.06 -0.55
C ALA A 169 -5.76 6.02 -0.69
N HIS A 170 -5.90 4.89 0.02
CA HIS A 170 -5.13 3.71 -0.33
C HIS A 170 -5.82 3.13 -1.54
N ALA A 171 -5.18 3.31 -2.71
CA ALA A 171 -5.66 2.82 -4.00
C ALA A 171 -4.50 2.34 -4.87
N VAL A 172 -3.43 1.88 -4.22
CA VAL A 172 -2.22 1.28 -4.87
C VAL A 172 -2.07 -0.02 -4.09
N ILE A 173 -2.16 -1.20 -4.73
CA ILE A 173 -1.66 -2.46 -4.09
C ILE A 173 -0.42 -2.75 -4.88
N TRP A 174 0.66 -2.09 -4.47
CA TRP A 174 1.82 -1.94 -5.33
C TRP A 174 2.37 -3.28 -5.77
N SER A 175 2.54 -3.43 -7.09
CA SER A 175 3.10 -4.60 -7.76
C SER A 175 2.22 -5.82 -7.77
N GLN A 176 1.01 -5.76 -7.27
CA GLN A 176 0.16 -6.94 -7.20
CA GLN A 176 0.16 -6.94 -7.20
C GLN A 176 -0.10 -7.49 -8.60
N HIS A 177 0.21 -8.77 -8.78
CA HIS A 177 -0.13 -9.48 -10.01
CA HIS A 177 -0.14 -9.50 -9.96
C HIS A 177 -0.39 -10.94 -9.56
N ASN A 178 -1.51 -11.48 -10.01
CA ASN A 178 -2.00 -12.79 -9.55
C ASN A 178 -1.97 -12.98 -8.03
N GLY A 181 -4.79 -12.15 -6.36
CA GLY A 181 -5.61 -10.96 -6.25
C GLY A 181 -5.55 -9.96 -7.42
N GLY A 182 -5.57 -10.49 -8.65
CA GLY A 182 -5.72 -9.65 -9.86
C GLY A 182 -4.42 -8.95 -10.25
N GLY A 183 -4.54 -7.84 -10.96
CA GLY A 183 -3.35 -7.08 -11.31
C GLY A 183 -3.57 -5.61 -11.08
N ALA A 184 -2.62 -4.98 -10.38
CA ALA A 184 -2.51 -3.54 -10.33
C ALA A 184 -1.05 -3.14 -10.34
N ASP A 185 -0.21 -3.83 -11.10
CA ASP A 185 1.19 -3.43 -11.18
C ASP A 185 1.32 -2.24 -12.15
N GLY A 186 2.44 -1.54 -12.05
CA GLY A 186 2.81 -0.49 -12.97
C GLY A 186 2.97 0.89 -12.38
N SER A 187 2.42 1.11 -11.20
CA SER A 187 2.42 2.42 -10.56
C SER A 187 3.71 2.72 -9.81
N PRO A 188 3.90 3.98 -9.40
CA PRO A 188 4.88 4.23 -8.33
C PRO A 188 4.44 3.60 -7.03
N SER A 189 5.40 3.30 -6.16
CA SER A 189 5.10 2.75 -4.86
C SER A 189 4.98 3.81 -3.79
N TYR A 190 5.50 5.00 -4.04
CA TYR A 190 5.37 6.12 -3.12
C TYR A 190 4.27 7.03 -3.62
N PRO A 191 3.92 8.07 -2.83
CA PRO A 191 2.67 8.76 -3.10
C PRO A 191 2.70 9.57 -4.38
N PHE A 192 1.55 9.63 -5.05
CA PHE A 192 1.41 10.43 -6.27
C PHE A 192 -0.04 10.84 -6.46
N TYR A 193 -0.25 11.86 -7.30
CA TYR A 193 -1.60 12.24 -7.74
C TYR A 193 -1.93 11.47 -9.02
N PRO A 194 -3.02 10.69 -9.00
CA PRO A 194 -3.35 9.87 -10.16
C PRO A 194 -3.96 10.69 -11.30
N SER A 195 -3.83 10.14 -12.50
CA SER A 195 -4.45 10.66 -13.70
C SER A 195 -5.91 10.22 -13.84
N THR A 196 -6.74 11.10 -14.44
CA THR A 196 -8.08 10.70 -14.81
C THR A 196 -8.08 9.49 -15.77
N GLU A 197 -6.95 9.24 -16.44
CA GLU A 197 -6.83 8.09 -17.32
C GLU A 197 -6.74 6.76 -16.61
N HIS A 198 -6.08 6.70 -15.45
CA HIS A 198 -5.73 5.43 -14.84
C HIS A 198 -5.16 5.67 -13.44
N PHE A 199 -5.73 4.95 -12.47
CA PHE A 199 -5.35 5.10 -11.07
C PHE A 199 -3.86 4.79 -10.79
N CYS A 200 -3.20 4.01 -11.65
CA CYS A 200 -1.78 3.68 -11.50
C CYS A 200 -0.85 4.70 -12.16
N LYS A 201 -1.39 5.61 -12.97
CA LYS A 201 -0.62 6.57 -13.76
C LYS A 201 -0.57 7.91 -13.04
N PRO A 202 0.61 8.47 -12.79
CA PRO A 202 0.63 9.87 -12.34
C PRO A 202 -0.03 10.84 -13.34
N ALA A 203 -0.85 11.76 -12.84
CA ALA A 203 -1.35 12.86 -13.66
C ALA A 203 -0.17 13.56 -14.32
N GLN A 204 -0.29 13.82 -15.62
CA GLN A 204 0.77 14.46 -16.37
C GLN A 204 0.72 15.98 -16.31
N GLY A 205 -0.45 16.52 -15.99
CA GLY A 205 -0.63 17.96 -15.99
C GLY A 205 -1.99 18.36 -15.46
N LYS A 206 -2.35 19.62 -15.63
CA LYS A 206 -3.62 20.12 -15.14
C LYS A 206 -4.84 19.37 -15.71
N SER A 207 -4.82 19.03 -17.00
CA SER A 207 -6.01 18.46 -17.66
C SER A 207 -6.45 17.11 -17.16
N ASP A 208 -5.51 16.32 -16.63
CA ASP A 208 -5.81 15.00 -16.10
C ASP A 208 -5.59 14.87 -14.59
N PHE A 209 -5.50 16.00 -13.89
CA PHE A 209 -5.13 16.00 -12.48
C PHE A 209 -6.29 15.56 -11.61
N ILE A 210 -6.02 14.71 -10.63
CA ILE A 210 -6.97 14.42 -9.55
C ILE A 210 -6.29 14.77 -8.23
N ASP A 211 -6.92 15.62 -7.42
CA ASP A 211 -6.37 16.06 -6.13
C ASP A 211 -6.66 15.02 -5.05
N CYS A 212 -6.08 13.83 -5.21
CA CYS A 212 -6.18 12.80 -4.23
C CYS A 212 -4.84 12.08 -4.25
N VAL A 213 -4.26 11.93 -3.08
CA VAL A 213 -2.98 11.25 -2.94
C VAL A 213 -3.24 9.76 -2.92
N ASN A 214 -2.59 9.02 -3.79
CA ASN A 214 -2.77 7.58 -3.90
C ASN A 214 -1.64 6.86 -3.15
N LEU A 215 -2.02 6.13 -2.13
CA LEU A 215 -1.14 5.42 -1.21
C LEU A 215 -1.18 3.91 -1.36
N ASP A 216 0.01 3.32 -1.44
CA ASP A 216 0.24 1.90 -1.21
C ASP A 216 -0.28 1.43 0.14
N GLY A 217 -0.53 0.13 0.25
CA GLY A 217 -1.07 -0.50 1.45
C GLY A 217 -0.08 -1.31 2.30
N TRP A 218 0.84 -2.03 1.64
CA TRP A 218 1.84 -2.87 2.29
C TRP A 218 3.21 -2.67 1.66
N THR A 219 4.17 -2.19 2.42
CA THR A 219 5.51 -2.00 1.88
C THR A 219 6.11 -3.35 1.52
N ASP A 221 9.21 -5.91 0.00
CA ASP A 221 10.63 -6.13 -0.29
C ASP A 221 10.69 -6.17 -1.81
N PHE A 222 11.37 -5.19 -2.39
CA PHE A 222 11.37 -5.04 -3.85
C PHE A 222 11.91 -6.28 -4.57
N ILE A 223 12.88 -6.96 -3.97
CA ILE A 223 13.42 -8.18 -4.60
C ILE A 223 12.35 -9.27 -4.64
N CYS A 224 11.61 -9.47 -3.56
CA CYS A 224 10.55 -10.47 -3.54
C CYS A 224 9.43 -10.13 -4.51
N ALA A 225 9.13 -8.84 -4.63
CA ALA A 225 7.95 -8.37 -5.37
C ALA A 225 8.13 -8.40 -6.87
N ARG A 226 9.32 -8.70 -7.38
CA ARG A 226 9.52 -8.88 -8.82
C ARG A 226 8.66 -9.99 -9.38
N ARG A 227 8.43 -11.04 -8.59
CA ARG A 227 7.69 -12.23 -9.04
CA ARG A 227 7.71 -12.22 -9.08
C ARG A 227 6.20 -12.03 -9.10
N SER A 228 5.54 -12.82 -9.95
N SER A 228 5.51 -12.81 -9.92
CA SER A 228 4.10 -13.06 -9.91
CA SER A 228 4.05 -12.72 -9.99
C SER A 228 3.85 -14.27 -9.05
C SER A 228 3.39 -13.56 -8.91
N GLY A 229 2.84 -14.20 -8.19
N GLY A 229 3.87 -14.78 -8.70
CA GLY A 229 2.40 -15.31 -7.37
CA GLY A 229 3.12 -15.69 -7.89
C GLY A 229 3.39 -15.77 -6.29
C GLY A 229 3.58 -15.86 -6.45
N GLN A 230 3.34 -17.06 -5.94
CA GLN A 230 3.96 -17.56 -4.71
C GLN A 230 3.95 -19.08 -4.68
N THR A 231 4.84 -19.66 -3.90
CA THR A 231 4.80 -21.11 -3.62
C THR A 231 4.14 -21.38 -2.27
N GLY A 232 4.06 -20.37 -1.41
CA GLY A 232 3.62 -20.53 -0.05
C GLY A 232 4.14 -19.40 0.82
N HIS A 233 3.99 -19.57 2.13
CA HIS A 233 4.35 -18.51 3.10
C HIS A 233 5.69 -18.77 3.79
N GLY A 234 6.29 -19.93 3.59
CA GLY A 234 7.46 -20.32 4.38
C GLY A 234 8.78 -19.81 3.85
N ILE A 235 9.82 -19.96 4.66
CA ILE A 235 11.14 -19.50 4.28
C ILE A 235 11.74 -20.35 3.17
N ASP A 236 11.18 -21.53 2.93
CA ASP A 236 11.59 -22.35 1.81
C ASP A 236 11.10 -21.89 0.45
N GLY A 237 10.10 -21.01 0.42
CA GLY A 237 9.41 -20.67 -0.80
C GLY A 237 9.75 -19.31 -1.38
N TYR A 238 8.95 -18.89 -2.36
CA TYR A 238 8.93 -17.50 -2.76
C TYR A 238 7.53 -16.93 -2.67
N ASN A 239 7.43 -15.62 -2.45
CA ASN A 239 6.14 -15.01 -2.29
C ASN A 239 6.23 -13.56 -2.70
N SER A 240 5.52 -13.23 -3.78
CA SER A 240 5.56 -11.87 -4.32
C SER A 240 4.94 -10.78 -3.44
N ARG A 241 4.33 -11.17 -2.32
CA ARG A 241 3.77 -10.20 -1.36
C ARG A 241 4.57 -10.04 -0.10
N ARG A 242 5.79 -10.56 -0.10
CA ARG A 242 6.65 -10.44 1.06
C ARG A 242 7.28 -9.03 1.23
N GLY A 243 7.15 -8.51 2.45
CA GLY A 243 7.75 -7.27 2.85
C GLY A 243 7.54 -7.04 4.31
N VAL A 244 6.70 -6.06 4.67
CA VAL A 244 6.35 -5.81 6.05
C VAL A 244 5.06 -6.49 6.52
N GLY A 245 4.31 -7.06 5.59
CA GLY A 245 3.05 -7.68 5.97
C GLY A 245 3.32 -8.90 6.86
N PRO A 246 2.53 -9.10 7.92
CA PRO A 246 2.80 -10.17 8.84
C PRO A 246 2.58 -11.60 8.32
N ILE A 247 1.68 -11.80 7.37
CA ILE A 247 1.36 -13.15 6.88
CA ILE A 247 1.37 -13.16 6.92
C ILE A 247 2.61 -13.87 6.35
N GLU A 248 3.37 -13.16 5.52
CA GLU A 248 4.51 -13.75 4.81
C GLU A 248 5.81 -13.70 5.62
N THR A 249 5.74 -13.13 6.83
CA THR A 249 6.94 -12.91 7.64
C THR A 249 6.73 -13.48 9.05
N TYR A 250 6.21 -12.68 9.98
CA TYR A 250 5.97 -13.16 11.32
C TYR A 250 5.23 -14.51 11.38
N LYS A 251 4.16 -14.66 10.61
CA LYS A 251 3.38 -15.90 10.60
C LYS A 251 4.10 -16.98 9.78
N GLY A 252 4.37 -16.71 8.51
CA GLY A 252 4.98 -17.73 7.65
C GLY A 252 6.35 -18.24 8.04
N TRP A 253 7.18 -17.34 8.58
CA TRP A 253 8.54 -17.71 8.95
C TRP A 253 8.72 -17.92 10.45
N GLY A 254 7.74 -17.54 11.26
CA GLY A 254 7.95 -17.47 12.70
C GLY A 254 8.45 -16.10 13.11
N LEU A 255 8.34 -15.80 14.39
CA LEU A 255 8.62 -14.46 14.85
C LEU A 255 10.06 -14.01 14.62
N ASP A 256 11.01 -14.88 14.95
CA ASP A 256 12.43 -14.52 14.95
CA ASP A 256 12.41 -14.50 14.95
C ASP A 256 12.91 -14.15 13.55
N LEU A 257 12.68 -15.03 12.60
CA LEU A 257 13.13 -14.81 11.23
C LEU A 257 12.24 -13.80 10.51
N GLY A 258 10.93 -13.90 10.73
CA GLY A 258 10.01 -12.94 10.14
C GLY A 258 10.36 -11.50 10.50
N HIS A 259 10.66 -11.28 11.76
CA HIS A 259 11.00 -9.95 12.23
C HIS A 259 12.18 -9.36 11.45
N ARG A 260 13.18 -10.19 11.19
CA ARG A 260 14.37 -9.73 10.49
CA ARG A 260 14.37 -9.74 10.49
C ARG A 260 14.01 -9.26 9.08
N GLU A 261 13.10 -9.96 8.39
CA GLU A 261 12.70 -9.54 7.05
C GLU A 261 11.89 -8.24 7.08
N VAL A 262 11.04 -8.09 8.10
CA VAL A 262 10.27 -6.83 8.27
C VAL A 262 11.21 -5.65 8.52
N HIS A 264 14.39 -5.45 7.65
CA HIS A 264 15.12 -5.24 6.41
C HIS A 264 14.31 -4.41 5.43
N THR A 265 13.04 -4.78 5.27
CA THR A 265 12.16 -4.08 4.35
C THR A 265 11.97 -2.64 4.79
N GLU A 266 11.77 -2.43 6.10
CA GLU A 266 11.67 -1.04 6.57
C GLU A 266 12.93 -0.25 6.32
N ALA A 267 14.10 -0.90 6.42
CA ALA A 267 15.38 -0.21 6.25
C ALA A 267 15.57 0.32 4.82
N ILE A 268 14.91 -0.30 3.83
CA ILE A 268 14.92 0.25 2.47
C ILE A 268 14.47 1.72 2.49
N HIS A 269 13.51 2.00 3.35
CA HIS A 269 12.87 3.30 3.48
C HIS A 269 13.50 4.19 4.52
N PHE A 270 13.84 3.61 5.66
CA PHE A 270 14.25 4.39 6.82
C PHE A 270 15.76 4.60 6.93
N ASP A 271 16.54 3.87 6.13
CA ASP A 271 17.99 4.13 6.00
C ASP A 271 18.22 4.85 4.68
N LYS A 272 18.48 4.12 3.60
CA LYS A 272 18.83 4.73 2.31
CA LYS A 272 18.84 4.78 2.33
C LYS A 272 17.69 5.55 1.71
N GLY A 273 16.46 5.06 1.82
CA GLY A 273 15.35 5.77 1.19
C GLY A 273 15.22 7.21 1.66
N LEU A 274 15.31 7.41 2.97
CA LEU A 274 15.18 8.76 3.51
CA LEU A 274 15.21 8.75 3.56
C LEU A 274 16.28 9.66 2.98
N GLU A 275 17.47 9.12 2.82
CA GLU A 275 18.57 9.90 2.24
CA GLU A 275 18.57 9.89 2.25
C GLU A 275 18.30 10.28 0.79
N LEU A 276 17.72 9.35 0.02
CA LEU A 276 17.47 9.59 -1.40
C LEU A 276 16.25 10.49 -1.63
N ASN A 277 15.24 10.33 -0.80
CA ASN A 277 13.91 10.91 -1.08
C ASN A 277 13.50 12.05 -0.18
N GLY A 278 14.19 12.21 0.93
CA GLY A 278 13.90 13.27 1.87
C GLY A 278 12.94 12.90 2.98
N PHE A 279 12.26 11.75 2.86
CA PHE A 279 11.42 11.22 3.92
C PHE A 279 11.41 9.71 3.71
N GLY A 280 10.91 8.97 4.71
CA GLY A 280 10.70 7.53 4.56
C GLY A 280 9.31 7.19 5.02
N TRP A 281 8.67 6.24 4.34
CA TRP A 281 7.31 5.84 4.66
C TRP A 281 7.12 4.34 4.44
N VAL A 282 6.60 3.69 5.46
CA VAL A 282 6.22 2.30 5.47
C VAL A 282 4.72 2.22 5.71
N ALA A 283 4.04 1.40 4.89
CA ALA A 283 2.61 1.15 4.99
C ALA A 283 2.34 -0.28 5.39
N ASN A 284 1.32 -0.53 6.20
CA ASN A 284 1.00 -1.91 6.56
C ASN A 284 -0.47 -2.01 6.90
N ILE A 285 -1.02 -3.20 6.64
CA ILE A 285 -2.43 -3.52 6.91
C ILE A 285 -2.46 -4.86 7.62
N TRP A 286 -3.02 -4.90 8.81
CA TRP A 286 -3.21 -6.11 9.61
C TRP A 286 -4.70 -6.35 9.79
N GLU A 287 -5.20 -7.50 9.38
CA GLU A 287 -6.59 -7.79 9.57
C GLU A 287 -6.83 -8.26 11.00
N ALA A 288 -7.84 -7.69 11.65
CA ALA A 288 -8.17 -8.04 13.03
C ALA A 288 -8.40 -9.54 13.19
N GLN A 289 -8.98 -10.17 12.19
CA GLN A 289 -9.28 -11.61 12.26
C GLN A 289 -8.05 -12.48 12.41
N VAL A 291 -5.97 -12.52 14.76
CA VAL A 291 -5.90 -12.97 16.17
C VAL A 291 -6.62 -14.32 16.30
N HIS A 292 -7.79 -14.44 15.67
CA HIS A 292 -8.54 -15.71 15.69
C HIS A 292 -7.89 -16.77 14.81
N GLU A 293 -7.42 -16.39 13.63
CA GLU A 293 -6.90 -17.39 12.67
C GLU A 293 -5.60 -18.02 13.18
N PHE A 294 -4.75 -17.22 13.80
CA PHE A 294 -3.38 -17.64 14.15
C PHE A 294 -3.04 -17.66 15.62
N GLY A 295 -3.88 -17.08 16.45
CA GLY A 295 -3.72 -17.08 17.89
C GLY A 295 -3.42 -15.68 18.40
N LYS A 296 -4.02 -15.33 19.53
CA LYS A 296 -3.90 -14.00 20.06
C LYS A 296 -2.47 -13.69 20.49
N ASP A 297 -1.81 -14.62 21.17
CA ASP A 297 -0.48 -14.32 21.66
C ASP A 297 0.53 -14.17 20.54
N LEU A 298 0.49 -15.07 19.57
CA LEU A 298 1.38 -14.99 18.42
C LEU A 298 1.23 -13.64 17.69
N ILE A 299 0.00 -13.25 17.37
CA ILE A 299 -0.22 -12.05 16.56
C ILE A 299 0.06 -10.79 17.38
N CYS A 300 -0.36 -10.78 18.63
CA CYS A 300 -0.01 -9.64 19.49
C CYS A 300 1.49 -9.54 19.76
N ASP A 301 2.17 -10.68 19.95
CA ASP A 301 3.64 -10.63 20.08
C ASP A 301 4.29 -10.10 18.80
N ALA A 302 3.79 -10.50 17.64
CA ALA A 302 4.32 -10.00 16.39
C ALA A 302 4.14 -8.49 16.28
N LYS A 304 3.77 -6.27 18.76
CA LYS A 304 4.67 -5.66 19.72
CA LYS A 304 4.70 -5.68 19.72
C LYS A 304 6.12 -5.65 19.18
N TRP A 306 7.19 -5.80 16.03
CA TRP A 306 7.27 -4.91 14.91
C TRP A 306 7.42 -3.46 15.37
N VAL A 307 6.50 -3.01 16.22
CA VAL A 307 6.52 -1.61 16.67
C VAL A 307 7.74 -1.33 17.51
N THR A 308 8.02 -2.19 18.48
CA THR A 308 9.17 -1.99 19.35
CA THR A 308 9.15 -1.93 19.36
C THR A 308 10.48 -1.99 18.59
N GLY A 309 10.61 -2.90 17.64
CA GLY A 309 11.83 -3.01 16.86
C GLY A 309 12.06 -1.80 15.96
N THR A 310 10.96 -1.30 15.39
CA THR A 310 11.01 -0.08 14.59
C THR A 310 11.45 1.11 15.44
N LYS A 311 10.82 1.27 16.60
CA LYS A 311 11.17 2.41 17.48
C LYS A 311 12.58 2.30 18.05
N GLU A 312 13.06 1.09 18.29
CA GLU A 312 14.40 0.92 18.81
C GLU A 312 15.44 1.40 17.80
N ARG A 313 15.26 1.03 16.54
CA ARG A 313 16.24 1.35 15.51
C ARG A 313 16.10 2.76 14.95
N TRP A 314 14.86 3.23 14.87
CA TRP A 314 14.52 4.53 14.30
C TRP A 314 13.59 5.25 15.29
N PRO A 315 14.18 5.80 16.37
CA PRO A 315 13.37 6.26 17.49
C PRO A 315 12.43 7.42 17.23
N ASP A 316 12.69 8.20 16.17
CA ASP A 316 11.80 9.32 15.90
C ASP A 316 10.71 8.99 14.87
N THR A 317 10.58 7.71 14.50
CA THR A 317 9.52 7.30 13.59
C THR A 317 8.16 7.68 14.13
N HIS A 318 7.32 8.26 13.27
CA HIS A 318 5.96 8.63 13.63
C HIS A 318 4.99 7.58 13.11
N PHE A 319 4.21 6.99 14.02
CA PHE A 319 3.15 6.08 13.69
C PHE A 319 1.87 6.91 13.60
N VAL A 320 1.41 7.12 12.37
CA VAL A 320 0.29 8.02 12.08
C VAL A 320 -0.73 7.33 11.20
N THR A 321 -1.90 7.95 11.09
CA THR A 321 -2.95 7.38 10.26
C THR A 321 -2.63 7.51 8.77
N PHE A 322 -3.22 6.65 7.94
CA PHE A 322 -3.09 6.78 6.48
C PHE A 322 -3.47 8.18 6.04
N GLY A 323 -4.62 8.66 6.51
CA GLY A 323 -5.10 9.97 6.12
C GLY A 323 -4.16 11.09 6.53
N GLU A 324 -3.62 11.02 7.74
CA GLU A 324 -2.70 12.09 8.24
C GLU A 324 -1.46 12.13 7.36
N PHE A 325 -0.89 10.96 7.07
CA PHE A 325 0.30 10.89 6.27
C PHE A 325 0.04 11.44 4.87
N GLY A 326 -1.05 11.01 4.24
CA GLY A 326 -1.37 11.52 2.90
C GLY A 326 -1.51 13.03 2.89
N GLU A 327 -2.12 13.60 3.92
CA GLU A 327 -2.25 15.05 3.98
C GLU A 327 -0.92 15.73 4.28
N LEU A 328 -0.03 15.10 5.04
CA LEU A 328 1.32 15.66 5.16
C LEU A 328 2.03 15.70 3.81
N TRP A 329 1.88 14.66 3.01
CA TRP A 329 2.47 14.62 1.68
C TRP A 329 1.88 15.72 0.80
N ARG A 330 0.57 15.83 0.82
CA ARG A 330 -0.16 16.80 0.00
C ARG A 330 0.17 18.24 0.39
N LYS A 331 0.53 18.47 1.65
CA LYS A 331 0.94 19.80 2.08
CA LYS A 331 0.95 19.79 2.10
C LYS A 331 2.25 20.23 1.40
N GLN A 332 3.13 19.28 1.15
CA GLN A 332 4.46 19.55 0.61
CA GLN A 332 4.47 19.54 0.60
C GLN A 332 4.52 19.45 -0.93
N TYR A 333 3.82 18.48 -1.48
CA TYR A 333 3.90 18.15 -2.91
C TYR A 333 2.58 18.52 -3.55
N LYS A 334 2.63 19.44 -4.51
CA LYS A 334 1.42 19.99 -5.11
C LYS A 334 1.13 19.52 -6.53
N SER A 335 2.11 18.92 -7.18
CA SER A 335 1.92 18.30 -8.51
C SER A 335 2.91 17.17 -8.61
N ASN A 336 2.80 16.38 -9.67
CA ASN A 336 3.75 15.31 -9.84
C ASN A 336 5.09 15.75 -10.41
N ASP A 337 5.26 17.04 -10.64
CA ASP A 337 6.57 17.56 -10.96
C ASP A 337 7.45 17.70 -9.71
N ASP A 338 6.84 17.60 -8.54
CA ASP A 338 7.51 17.94 -7.29
C ASP A 338 8.25 16.76 -6.64
N TRP A 339 8.05 15.54 -7.15
CA TRP A 339 8.68 14.36 -6.58
C TRP A 339 9.44 13.55 -7.62
N ASN A 340 10.40 12.78 -7.12
CA ASN A 340 11.24 11.94 -7.95
C ASN A 340 11.83 10.95 -6.96
N TYR A 341 11.36 9.71 -6.98
CA TYR A 341 11.73 8.73 -5.97
C TYR A 341 12.77 7.72 -6.46
N ARG A 342 13.70 7.41 -5.58
CA ARG A 342 14.74 6.42 -5.83
C ARG A 342 14.84 5.50 -4.62
N PHE A 343 15.09 4.22 -4.92
CA PHE A 343 15.38 3.21 -3.91
C PHE A 343 16.52 2.33 -4.37
N VAL A 344 17.29 1.84 -3.40
CA VAL A 344 18.33 0.85 -3.63
CA VAL A 344 18.29 0.82 -3.67
C VAL A 344 18.19 -0.23 -2.56
N GLU A 345 18.23 -1.49 -2.97
CA GLU A 345 18.12 -2.60 -2.02
C GLU A 345 18.98 -3.76 -2.44
N ARG A 346 19.68 -4.36 -1.48
CA ARG A 346 20.24 -5.69 -1.66
C ARG A 346 19.42 -6.69 -0.86
N GLY A 347 19.41 -7.95 -1.27
CA GLY A 347 18.60 -8.93 -0.57
C GLY A 347 19.01 -9.09 0.88
N SER A 348 18.07 -9.42 1.74
CA SER A 348 18.36 -9.64 3.14
C SER A 348 19.19 -10.88 3.37
N GLY A 349 19.17 -11.81 2.43
CA GLY A 349 19.74 -13.12 2.68
C GLY A 349 18.83 -14.09 3.39
N LEU A 350 17.56 -13.73 3.55
CA LEU A 350 16.56 -14.61 4.12
C LEU A 350 15.50 -14.93 3.07
N GLY A 351 15.17 -16.21 2.97
CA GLY A 351 14.09 -16.65 2.06
C GLY A 351 14.34 -16.22 0.63
N ASP A 352 13.34 -15.66 -0.01
CA ASP A 352 13.47 -15.23 -1.39
C ASP A 352 14.00 -13.81 -1.57
N SER A 353 14.48 -13.18 -0.49
CA SER A 353 15.16 -11.88 -0.60
C SER A 353 16.65 -12.19 -0.86
N TYR A 354 16.93 -12.59 -2.10
CA TYR A 354 18.22 -13.21 -2.45
C TYR A 354 19.38 -12.24 -2.29
N ASN A 355 20.41 -12.71 -1.59
CA ASN A 355 21.50 -11.84 -1.20
C ASN A 355 22.37 -11.32 -2.35
N ASN A 356 22.40 -12.05 -3.45
CA ASN A 356 23.25 -11.72 -4.56
C ASN A 356 22.68 -10.64 -5.45
N LEU A 357 21.45 -10.22 -5.16
CA LEU A 357 20.77 -9.24 -6.02
C LEU A 357 20.80 -7.83 -5.43
N GLU A 358 21.04 -6.85 -6.32
CA GLU A 358 20.91 -5.45 -6.00
C GLU A 358 19.88 -4.88 -6.96
N ILE A 359 18.82 -4.28 -6.41
CA ILE A 359 17.78 -3.66 -7.22
C ILE A 359 17.79 -2.17 -7.01
N LYS A 360 17.61 -1.40 -8.09
CA LYS A 360 17.46 0.02 -8.02
C LYS A 360 16.14 0.39 -8.69
N TRP A 361 15.30 1.15 -8.00
CA TRP A 361 14.06 1.69 -8.59
C TRP A 361 14.17 3.20 -8.74
N PHE A 362 13.60 3.70 -9.83
CA PHE A 362 13.47 5.11 -10.15
C PHE A 362 12.03 5.36 -10.52
N ASN A 364 9.21 8.55 -11.38
CA ASN A 364 8.92 9.97 -11.57
C ASN A 364 7.58 10.10 -12.34
N LYS A 365 7.16 11.33 -12.63
CA LYS A 365 5.87 11.55 -13.27
C LYS A 365 5.74 10.82 -14.61
N GLU A 366 6.85 10.69 -15.32
CA GLU A 366 6.81 10.19 -16.69
C GLU A 366 7.13 8.71 -16.88
N PHE A 367 7.80 8.08 -15.90
CA PHE A 367 8.05 6.65 -15.98
C PHE A 367 8.52 6.09 -14.63
N ARG A 368 8.45 4.77 -14.53
CA ARG A 368 9.26 4.08 -13.54
C ARG A 368 10.23 3.16 -14.26
N LEU A 369 11.33 2.87 -13.56
CA LEU A 369 12.43 2.10 -14.09
C LEU A 369 13.05 1.30 -12.96
N ALA A 370 13.27 0.00 -13.20
CA ALA A 370 14.02 -0.86 -12.26
C ALA A 370 15.20 -1.52 -12.95
N LEU A 371 16.34 -1.48 -12.27
CA LEU A 371 17.57 -2.12 -12.72
C LEU A 371 17.92 -3.19 -11.70
N LEU A 372 18.36 -4.35 -12.18
CA LEU A 372 18.70 -5.49 -11.32
C LEU A 372 20.09 -5.97 -11.69
N ARG A 373 20.89 -6.27 -10.67
CA ARG A 373 22.30 -6.68 -10.87
C ARG A 373 22.65 -7.82 -9.92
N ASP A 374 23.36 -8.81 -10.44
CA ASP A 374 23.94 -9.91 -9.67
C ASP A 374 25.30 -9.39 -9.22
N TRP A 375 25.36 -8.82 -8.03
CA TRP A 375 26.58 -8.18 -7.57
C TRP A 375 27.62 -9.20 -7.07
N HIS A 376 27.22 -10.46 -6.94
CA HIS A 376 28.16 -11.53 -6.59
C HIS A 376 29.06 -11.90 -7.75
N THR A 377 28.68 -11.50 -8.97
CA THR A 377 29.50 -11.80 -10.15
C THR A 377 30.23 -10.52 -10.57
N LYS A 378 31.57 -10.56 -10.50
CA LYS A 378 32.40 -9.39 -10.81
C LYS A 378 32.11 -8.88 -12.20
N ASN A 379 31.90 -7.56 -12.29
CA ASN A 379 31.64 -6.84 -13.54
C ASN A 379 30.34 -7.22 -14.28
N SER A 380 29.43 -7.93 -13.62
CA SER A 380 28.13 -8.24 -14.21
C SER A 380 27.34 -6.93 -14.25
N PRO A 381 26.79 -6.55 -15.43
CA PRO A 381 26.09 -5.27 -15.46
C PRO A 381 24.67 -5.35 -14.87
N ALA A 382 24.10 -4.19 -14.63
CA ALA A 382 22.69 -4.09 -14.27
C ALA A 382 21.85 -4.21 -15.55
N TYR A 383 20.72 -4.89 -15.42
CA TYR A 383 19.73 -5.06 -16.46
C TYR A 383 18.45 -4.34 -16.11
N VAL A 384 17.82 -3.78 -17.12
CA VAL A 384 16.47 -3.24 -16.99
C VAL A 384 15.51 -4.41 -16.84
N ILE A 385 14.80 -4.44 -15.71
CA ILE A 385 13.73 -5.42 -15.50
C ILE A 385 12.33 -4.81 -15.54
N ASP A 386 12.24 -3.48 -15.49
CA ASP A 386 10.96 -2.79 -15.62
C ASP A 386 11.23 -1.42 -16.24
N PHE A 387 10.47 -1.07 -17.26
CA PHE A 387 10.42 0.28 -17.78
C PHE A 387 8.99 0.50 -18.20
N THR A 388 8.26 1.31 -17.42
CA THR A 388 6.84 1.52 -17.61
C THR A 388 6.65 3.02 -17.81
N ARG A 389 6.22 3.42 -19.00
CA ARG A 389 6.02 4.82 -19.33
C ARG A 389 4.65 5.31 -18.95
N TYR A 390 4.59 6.52 -18.41
CA TYR A 390 3.35 7.15 -18.03
C TYR A 390 2.93 8.25 -18.99
N ASP A 391 3.84 8.71 -19.83
CA ASP A 391 3.50 9.74 -20.80
C ASP A 391 2.59 9.20 -21.91
N LEU A 392 2.65 7.91 -22.15
CA LEU A 392 1.73 7.23 -23.04
C LEU A 392 0.29 7.26 -22.48
N GLN A 393 -0.69 7.39 -23.36
CA GLN A 393 -2.09 7.31 -22.93
C GLN A 393 -2.36 5.97 -22.26
N ALA A 394 -3.10 6.00 -21.16
CA ALA A 394 -3.53 4.80 -20.48
C ALA A 394 -5.05 4.73 -20.44
N HIS A 395 -5.54 3.52 -20.23
CA HIS A 395 -6.98 3.19 -20.19
CA HIS A 395 -6.94 3.41 -19.93
C HIS A 395 -7.26 2.18 -19.10
N GLU A 396 -8.33 2.33 -18.34
CA GLU A 396 -8.76 1.32 -17.41
C GLU A 396 -9.83 0.45 -18.04
N PRO A 397 -10.10 -0.71 -17.43
CA PRO A 397 -11.24 -1.52 -17.90
C PRO A 397 -12.56 -0.78 -17.89
N ALA A 398 -13.42 -1.09 -18.86
CA ALA A 398 -14.76 -0.63 -18.87
C ALA A 398 -15.48 -1.16 -17.62
N ASP A 399 -16.51 -0.43 -17.22
CA ASP A 399 -17.23 -0.77 -15.98
C ASP A 399 -17.54 -2.28 -15.90
N PRO A 400 -17.07 -2.94 -14.86
CA PRO A 400 -17.44 -4.30 -14.60
C PRO A 400 -18.73 -4.39 -13.79
N SER A 401 -19.11 -5.63 -13.48
CA SER A 401 -20.23 -5.91 -12.57
C SER A 401 -19.89 -7.26 -11.91
N PRO A 402 -20.67 -7.64 -10.87
CA PRO A 402 -20.19 -8.82 -10.12
C PRO A 402 -20.12 -10.13 -10.92
N GLU A 403 -20.94 -10.25 -11.95
CA GLU A 403 -20.92 -11.45 -12.79
C GLU A 403 -19.99 -11.33 -13.99
N LYS A 404 -19.37 -10.16 -14.19
CA LYS A 404 -18.33 -9.99 -15.23
C LYS A 404 -17.23 -9.06 -14.69
N PRO A 405 -16.44 -9.62 -13.80
CA PRO A 405 -15.37 -8.82 -13.24
C PRO A 405 -14.29 -8.46 -14.25
N ALA A 406 -13.57 -7.39 -13.90
CA ALA A 406 -12.35 -7.00 -14.61
C ALA A 406 -11.22 -7.09 -13.58
N LYS A 407 -10.44 -8.17 -13.63
CA LYS A 407 -9.45 -8.44 -12.58
C LYS A 407 -8.09 -7.82 -12.86
N ASP A 408 -7.82 -7.44 -14.10
CA ASP A 408 -6.49 -6.97 -14.50
C ASP A 408 -6.51 -5.48 -14.83
N TRP A 409 -6.06 -4.70 -13.85
CA TRP A 409 -5.96 -3.24 -13.96
C TRP A 409 -4.52 -2.77 -14.10
N SER A 410 -3.59 -3.66 -14.39
CA SER A 410 -2.19 -3.28 -14.46
CA SER A 410 -2.17 -3.32 -14.49
C SER A 410 -1.89 -2.32 -15.58
N LEU A 411 -0.94 -1.43 -15.33
CA LEU A 411 -0.44 -0.51 -16.35
CA LEU A 411 -0.44 -0.50 -16.33
C LEU A 411 0.91 -1.05 -16.82
N ILE A 412 0.93 -1.60 -18.03
CA ILE A 412 2.09 -2.29 -18.56
C ILE A 412 2.29 -1.85 -20.01
N ASN A 413 3.52 -1.52 -20.37
CA ASN A 413 3.79 -1.20 -21.76
C ASN A 413 5.15 -1.79 -22.13
N LYS A 414 6.27 -1.10 -21.95
CA LYS A 414 7.54 -1.56 -22.55
C LYS A 414 8.11 -2.85 -21.91
N ILE A 415 8.50 -2.78 -20.65
CA ILE A 415 9.07 -3.90 -19.92
C ILE A 415 8.45 -3.92 -18.52
N ASN A 416 7.95 -5.09 -18.10
CA ASN A 416 7.33 -5.23 -16.78
C ASN A 416 8.03 -6.31 -15.96
N GLN A 417 8.27 -6.02 -14.67
CA GLN A 417 9.07 -6.88 -13.79
C GLN A 417 8.57 -8.31 -13.65
N LYS A 418 7.27 -8.55 -13.81
CA LYS A 418 6.74 -9.89 -13.64
C LYS A 418 7.23 -10.84 -14.73
N ALA A 419 7.71 -10.28 -15.83
CA ALA A 419 8.42 -11.08 -16.86
C ALA A 419 7.54 -12.16 -17.49
N LEU A 420 6.28 -11.82 -17.70
CA LEU A 420 5.32 -12.79 -18.22
C LEU A 420 5.23 -12.79 -19.74
N ARG A 421 5.75 -11.75 -20.38
CA ARG A 421 5.77 -11.64 -21.85
C ARG A 421 7.20 -11.77 -22.42
N PRO A 422 7.34 -12.24 -23.66
CA PRO A 422 8.69 -12.30 -24.22
C PRO A 422 9.46 -10.95 -24.20
N GLN A 423 8.73 -9.84 -24.37
CA GLN A 423 9.36 -8.52 -24.43
C GLN A 423 9.86 -8.07 -23.06
N ASP A 424 9.48 -8.80 -22.02
CA ASP A 424 9.92 -8.48 -20.66
C ASP A 424 11.30 -9.05 -20.31
N LYS A 425 11.96 -9.73 -21.24
CA LYS A 425 13.30 -10.24 -20.99
C LYS A 425 14.21 -9.10 -20.51
N PRO A 426 14.90 -9.29 -19.39
CA PRO A 426 15.78 -8.22 -18.94
C PRO A 426 16.86 -7.91 -19.99
N VAL A 427 17.11 -6.61 -20.19
CA VAL A 427 18.08 -6.15 -21.20
C VAL A 427 18.91 -5.02 -20.65
N LEU A 428 20.12 -4.85 -21.19
CA LEU A 428 20.92 -3.68 -20.87
C LEU A 428 20.20 -2.42 -21.30
N ILE A 429 20.45 -1.36 -20.56
CA ILE A 429 19.81 -0.10 -20.81
C ILE A 429 20.11 0.42 -22.22
N ASP A 430 21.29 0.11 -22.74
CA ASP A 430 21.66 0.55 -24.10
CA ASP A 430 21.64 0.57 -24.08
C ASP A 430 20.99 -0.27 -25.21
N LYS A 431 20.17 -1.26 -24.83
CA LYS A 431 19.34 -1.99 -25.76
C LYS A 431 17.92 -1.41 -25.90
N LEU A 432 17.55 -0.48 -25.03
CA LEU A 432 16.27 0.19 -25.17
C LEU A 432 16.24 1.06 -26.42
N GLU A 433 15.06 1.28 -26.95
CA GLU A 433 14.87 2.18 -28.09
C GLU A 433 15.35 3.59 -27.76
N LYS A 434 15.79 4.33 -28.78
CA LYS A 434 16.43 5.63 -28.56
C LYS A 434 15.56 6.59 -27.73
N GLU A 435 14.26 6.53 -28.00
CA GLU A 435 13.29 7.45 -27.42
C GLU A 435 13.17 7.16 -25.94
N ASP A 436 13.29 5.88 -25.60
CA ASP A 436 13.21 5.43 -24.20
C ASP A 436 14.46 5.85 -23.49
N GLN A 437 15.62 5.65 -24.12
CA GLN A 437 16.85 6.21 -23.60
C GLN A 437 16.75 7.72 -23.39
N ASP A 438 16.15 8.43 -24.34
CA ASP A 438 16.11 9.89 -24.26
C ASP A 438 15.30 10.35 -23.04
N LEU A 439 14.16 9.67 -22.84
CA LEU A 439 13.29 9.92 -21.66
C LEU A 439 14.04 9.62 -20.36
N ILE A 440 14.73 8.48 -20.31
CA ILE A 440 15.58 8.20 -19.17
C ILE A 440 16.65 9.27 -18.94
N ARG A 441 17.35 9.65 -20.01
CA ARG A 441 18.46 10.62 -19.90
CA ARG A 441 18.45 10.63 -19.96
C ARG A 441 18.00 11.98 -19.38
N LYS A 442 16.79 12.38 -19.74
CA LYS A 442 16.12 13.59 -19.25
C LYS A 442 16.08 13.67 -17.73
N TYR A 443 15.86 12.53 -17.09
CA TYR A 443 15.83 12.47 -15.64
C TYR A 443 17.13 11.99 -15.00
N TYR A 444 17.74 10.94 -15.57
CA TYR A 444 18.88 10.25 -14.95
C TYR A 444 19.98 10.02 -16.02
N PRO A 445 20.61 11.12 -16.47
CA PRO A 445 21.63 11.00 -17.53
C PRO A 445 22.79 10.09 -17.14
N GLU A 446 23.10 10.01 -15.85
CA GLU A 446 24.17 9.16 -15.34
C GLU A 446 23.99 7.65 -15.62
N LEU A 447 22.75 7.22 -15.85
CA LEU A 447 22.47 5.82 -16.15
C LEU A 447 22.86 5.41 -17.57
N LEU A 448 23.08 6.40 -18.45
CA LEU A 448 23.40 6.13 -19.84
C LEU A 448 24.87 6.49 -20.11
#